data_8YDN
#
_entry.id   8YDN
#
_cell.length_a   104.400
_cell.length_b   104.400
_cell.length_c   96.820
_cell.angle_alpha   90.000
_cell.angle_beta   90.000
_cell.angle_gamma   90.000
#
_symmetry.space_group_name_H-M   'I 41 2 2'
#
loop_
_entity.id
_entity.type
_entity.pdbx_description
1 polymer 'Stimulator of interferon genes protein'
2 non-polymer "9,9'-[(2R,3R,3aS,5S,7aR,9R,10R,10aS,12S,14aR)-3,5,10,12-tetrahydroxy-5,12-dioxidooctahydro-2H,7H-difuro[3,2-d:3',2'-j][1,3,7,9,2,8]tetraoxadiphosphacyclododecine-2,9-diyl]bis(2-amino-1,9-dihydro-6H-purin-6-one)"
#
_entity_poly.entity_id   1
_entity_poly.type   'polypeptide(L)'
_entity_poly.pdbx_seq_one_letter_code
;MALGTIGILSMFSVTCKSTDNNFWKSTFTSNNVNLFGDELSYNLIFVTLGIIDIWVGEMIKRVFVFCGEFRFINSRYDGR
ISFVVQQSFCTKSNIPFLTLPILVAMLTYMNLHGDGMLLDPTKSEMSRVMEEQKLNVGHGLAWSYYFGYLRLIIPGLQSR
MDSWKKGIDTARKSVVVPKLYLLIPKSCYCPPSITAADPQIKVAGVTPSFVANRAGNQRREYKNTVYCFEADKTDFYCLV
EYATPILSLYEMSNSEEAGLSSFDRLRQMRTFVATLQEIINSNPETKDNCSLLVYDDKKFGDGEQSISMLIKDRIEKDLS
DKALQMVDDFAKVVDGTNTDTISSKCANELTEDI
;
_entity_poly.pdbx_strand_id   A
#
# COMPACT_ATOMS: atom_id res chain seq x y z
N GLU A 131 -11.11 -18.35 23.05
CA GLU A 131 -11.74 -18.99 21.91
C GLU A 131 -11.10 -18.54 20.61
N GLU A 132 -11.41 -19.24 19.51
CA GLU A 132 -11.00 -18.83 18.17
C GLU A 132 -11.70 -17.56 17.70
N GLN A 133 -12.89 -17.24 18.25
CA GLN A 133 -13.67 -16.14 17.71
C GLN A 133 -13.05 -14.79 18.08
N LYS A 134 -12.49 -14.65 19.28
CA LYS A 134 -11.73 -13.43 19.57
C LYS A 134 -10.47 -13.29 18.69
N LEU A 135 -10.09 -14.33 17.95
CA LEU A 135 -8.95 -14.29 17.03
C LEU A 135 -9.35 -14.10 15.58
N ASN A 136 -10.64 -13.93 15.31
CA ASN A 136 -11.12 -13.34 14.07
C ASN A 136 -10.88 -11.83 14.00
N VAL A 137 -9.70 -11.45 13.50
CA VAL A 137 -9.21 -10.08 13.62
C VAL A 137 -9.04 -9.40 12.28
N GLY A 138 -9.01 -10.15 11.17
CA GLY A 138 -8.63 -9.58 9.89
C GLY A 138 -9.62 -8.59 9.36
N HIS A 139 -10.91 -8.90 9.49
CA HIS A 139 -11.95 -7.95 9.04
C HIS A 139 -11.81 -6.62 9.78
N GLY A 140 -11.47 -6.67 11.06
CA GLY A 140 -11.29 -5.44 11.79
C GLY A 140 -10.08 -4.65 11.33
N LEU A 141 -8.95 -5.32 11.16
CA LEU A 141 -7.76 -4.63 10.70
C LEU A 141 -8.02 -3.93 9.37
N ALA A 142 -8.77 -4.58 8.48
CA ALA A 142 -9.06 -3.96 7.18
C ALA A 142 -9.91 -2.69 7.33
N TRP A 143 -11.00 -2.76 8.11
CA TRP A 143 -11.92 -1.61 8.20
C TRP A 143 -11.24 -0.42 8.87
N SER A 144 -10.38 -0.71 9.84
CA SER A 144 -9.60 0.28 10.55
C SER A 144 -8.57 0.92 9.63
N TYR A 145 -7.87 0.10 8.83
CA TYR A 145 -6.85 0.65 7.92
C TYR A 145 -7.50 1.57 6.90
N TYR A 146 -8.67 1.18 6.39
CA TYR A 146 -9.40 2.03 5.46
C TYR A 146 -9.81 3.36 6.08
N PHE A 147 -10.63 3.33 7.16
CA PHE A 147 -11.18 4.58 7.71
C PHE A 147 -10.13 5.40 8.45
N GLY A 148 -9.15 4.74 9.05
CA GLY A 148 -8.11 5.45 9.76
C GLY A 148 -6.95 5.90 8.94
N TYR A 149 -6.85 5.47 7.67
CA TYR A 149 -5.73 5.83 6.83
C TYR A 149 -6.02 5.90 5.33
N LEU A 150 -6.41 4.78 4.71
CA LEU A 150 -6.43 4.72 3.25
C LEU A 150 -7.51 5.63 2.66
N ARG A 151 -8.67 5.75 3.30
CA ARG A 151 -9.72 6.65 2.82
C ARG A 151 -9.28 8.11 2.88
N LEU A 152 -8.23 8.39 3.63
CA LEU A 152 -7.71 9.71 3.85
C LEU A 152 -6.55 10.08 2.95
N ILE A 153 -5.68 9.11 2.61
CA ILE A 153 -4.47 9.41 1.85
C ILE A 153 -4.59 9.06 0.38
N ILE A 154 -5.59 8.30 -0.02
CA ILE A 154 -5.73 7.90 -1.42
C ILE A 154 -6.61 8.82 -2.26
N PRO A 155 -7.83 9.21 -1.83
CA PRO A 155 -8.66 10.05 -2.71
C PRO A 155 -7.92 11.32 -3.09
N GLY A 156 -8.02 11.68 -4.37
CA GLY A 156 -7.31 12.82 -4.92
C GLY A 156 -5.96 12.49 -5.54
N LEU A 157 -5.53 11.23 -5.47
CA LEU A 157 -4.13 10.91 -5.71
C LEU A 157 -3.74 11.26 -7.15
N GLN A 158 -4.56 10.86 -8.12
CA GLN A 158 -4.30 11.18 -9.53
C GLN A 158 -4.02 12.66 -9.73
N SER A 159 -4.88 13.52 -9.18
CA SER A 159 -4.69 14.95 -9.36
C SER A 159 -3.40 15.40 -8.74
N ARG A 160 -3.08 14.90 -7.55
CA ARG A 160 -1.82 15.26 -6.89
C ARG A 160 -0.61 14.81 -7.72
N MET A 161 -0.68 13.61 -8.31
CA MET A 161 0.46 13.16 -9.09
C MET A 161 0.59 13.94 -10.39
N ASP A 162 -0.53 14.38 -10.96
CA ASP A 162 -0.48 15.21 -12.15
C ASP A 162 0.28 16.50 -11.88
N SER A 163 -0.04 17.19 -10.78
CA SER A 163 0.75 18.36 -10.40
C SER A 163 2.20 17.96 -10.09
N TRP A 164 2.40 16.90 -9.31
CA TRP A 164 3.77 16.54 -8.96
C TRP A 164 4.57 16.13 -10.20
N LYS A 165 3.97 15.34 -11.11
CA LYS A 165 4.66 14.88 -12.33
C LYS A 165 5.31 16.02 -13.11
N LYS A 166 4.64 17.18 -13.20
CA LYS A 166 5.18 18.33 -13.92
C LYS A 166 6.51 18.85 -13.38
N GLY A 167 6.99 18.28 -12.28
CA GLY A 167 8.25 18.70 -11.73
C GLY A 167 9.42 17.91 -12.24
N ILE A 168 9.14 16.77 -12.87
CA ILE A 168 10.16 15.96 -13.51
C ILE A 168 10.54 16.63 -14.82
N ASP A 169 11.83 16.95 -14.98
CA ASP A 169 12.35 17.53 -16.23
C ASP A 169 13.77 17.01 -16.41
N THR A 170 13.90 15.94 -17.17
CA THR A 170 15.17 15.25 -17.31
C THR A 170 15.26 14.62 -18.70
N ALA A 171 16.48 14.16 -19.05
CA ALA A 171 16.67 13.33 -20.23
C ALA A 171 16.08 11.93 -20.06
N ARG A 172 15.79 11.53 -18.83
CA ARG A 172 15.51 10.11 -18.55
C ARG A 172 14.06 9.78 -18.85
N LYS A 173 13.83 8.59 -19.41
CA LYS A 173 12.47 8.14 -19.62
C LYS A 173 11.88 7.81 -18.25
N SER A 174 10.69 8.32 -17.98
CA SER A 174 10.09 8.09 -16.68
C SER A 174 8.60 7.82 -16.84
N VAL A 175 8.12 6.84 -16.06
CA VAL A 175 6.71 6.46 -15.96
C VAL A 175 6.23 6.82 -14.56
N VAL A 176 5.25 7.71 -14.47
CA VAL A 176 4.61 8.08 -13.20
C VAL A 176 3.27 7.36 -13.13
N VAL A 177 3.16 6.41 -12.19
CA VAL A 177 1.96 5.64 -11.95
C VAL A 177 1.25 6.22 -10.72
N PRO A 178 0.05 6.79 -10.86
CA PRO A 178 -0.66 7.38 -9.70
C PRO A 178 -1.44 6.32 -8.94
N LYS A 179 -0.69 5.42 -8.30
CA LYS A 179 -1.28 4.35 -7.52
C LYS A 179 -0.41 4.12 -6.31
N LEU A 180 -1.06 3.79 -5.21
CA LEU A 180 -0.39 3.30 -4.02
C LEU A 180 -0.34 1.78 -4.07
N TYR A 181 0.88 1.22 -4.02
CA TYR A 181 1.09 -0.22 -4.03
C TYR A 181 1.31 -0.67 -2.59
N LEU A 182 0.37 -1.46 -2.06
CA LEU A 182 0.38 -1.84 -0.65
CA LEU A 182 0.36 -1.84 -0.65
C LEU A 182 1.00 -3.22 -0.49
N LEU A 183 2.17 -3.27 0.16
CA LEU A 183 2.90 -4.51 0.35
C LEU A 183 2.31 -5.33 1.49
N ILE A 184 1.92 -6.55 1.16
CA ILE A 184 1.37 -7.51 2.09
C ILE A 184 2.26 -8.75 2.05
N PRO A 185 3.41 -8.73 2.73
CA PRO A 185 4.25 -9.93 2.87
C PRO A 185 3.60 -11.05 3.66
N LYS A 186 3.87 -12.29 3.23
CA LYS A 186 3.27 -13.47 3.83
C LYS A 186 3.66 -13.64 5.28
N SER A 187 4.88 -13.25 5.65
CA SER A 187 5.25 -13.35 7.06
C SER A 187 4.51 -12.35 7.93
N CYS A 188 3.90 -11.32 7.33
CA CYS A 188 3.31 -10.18 8.05
C CYS A 188 4.36 -9.32 8.74
N TYR A 189 5.65 -9.51 8.44
CA TYR A 189 6.70 -8.65 8.98
C TYR A 189 6.79 -7.43 8.08
N CYS A 190 6.46 -6.26 8.63
CA CYS A 190 6.61 -5.00 7.92
C CYS A 190 7.85 -4.30 8.43
N PRO A 191 8.90 -4.20 7.63
CA PRO A 191 10.09 -3.50 8.04
C PRO A 191 9.82 -2.02 8.12
N PRO A 192 10.62 -1.29 8.88
CA PRO A 192 10.24 0.08 9.21
C PRO A 192 10.59 1.08 8.13
N SER A 193 11.40 0.69 7.15
CA SER A 193 11.78 1.53 6.03
C SER A 193 11.62 0.77 4.72
N ILE A 194 10.90 1.35 3.76
CA ILE A 194 10.90 0.80 2.41
C ILE A 194 12.33 0.73 1.85
N THR A 195 13.05 1.84 1.97
CA THR A 195 14.35 1.93 1.34
C THR A 195 15.29 0.91 1.93
N ALA A 196 15.13 0.58 3.22
CA ALA A 196 16.02 -0.40 3.84
C ALA A 196 15.71 -1.81 3.41
N ALA A 197 14.46 -2.09 3.10
CA ALA A 197 14.10 -3.42 2.61
C ALA A 197 14.55 -3.61 1.16
N ASP A 198 14.33 -2.61 0.31
CA ASP A 198 14.86 -2.61 -1.05
C ASP A 198 15.55 -1.29 -1.35
N PRO A 199 16.91 -1.28 -1.31
CA PRO A 199 17.62 -0.04 -1.61
C PRO A 199 17.51 0.37 -3.09
N GLN A 200 16.88 -0.41 -3.96
CA GLN A 200 16.53 0.11 -5.28
C GLN A 200 15.34 1.04 -5.28
N ILE A 201 14.48 0.99 -4.27
CA ILE A 201 13.36 1.93 -4.17
C ILE A 201 13.85 3.12 -3.36
N LYS A 202 13.96 4.28 -3.99
CA LYS A 202 14.54 5.46 -3.35
C LYS A 202 13.46 6.52 -3.26
N VAL A 203 13.50 7.31 -2.19
CA VAL A 203 12.50 8.36 -2.01
C VAL A 203 12.78 9.42 -3.07
N ALA A 204 11.78 9.69 -3.90
CA ALA A 204 11.89 10.70 -4.94
C ALA A 204 11.41 12.07 -4.52
N GLY A 205 10.68 12.18 -3.42
CA GLY A 205 10.06 13.42 -3.05
C GLY A 205 8.70 13.16 -2.47
N VAL A 206 7.92 14.21 -2.36
CA VAL A 206 6.66 14.18 -1.60
C VAL A 206 5.71 15.12 -2.29
N THR A 207 4.44 14.72 -2.37
CA THR A 207 3.45 15.61 -2.91
C THR A 207 3.32 16.84 -1.98
N PRO A 208 2.74 17.91 -2.49
CA PRO A 208 2.33 18.98 -1.56
C PRO A 208 1.35 18.43 -0.52
N SER A 209 1.32 19.06 0.65
CA SER A 209 0.43 18.61 1.69
C SER A 209 -1.01 18.84 1.26
N PHE A 210 -1.90 17.96 1.72
CA PHE A 210 -3.33 18.16 1.59
C PHE A 210 -4.00 17.82 2.92
N VAL A 211 -5.30 18.09 3.00
CA VAL A 211 -6.10 17.89 4.19
C VAL A 211 -7.19 16.86 3.93
N ALA A 212 -7.40 15.97 4.90
CA ALA A 212 -8.45 14.95 4.84
C ALA A 212 -9.17 14.91 6.19
N ASN A 213 -10.42 14.44 6.16
CA ASN A 213 -11.31 14.52 7.33
C ASN A 213 -11.74 13.13 7.77
N ARG A 214 -11.48 12.79 9.03
CA ARG A 214 -12.14 11.65 9.67
C ARG A 214 -13.37 12.14 10.42
N ALA A 215 -14.32 11.23 10.63
CA ALA A 215 -15.47 11.46 11.52
C ALA A 215 -16.13 12.80 11.27
N GLY A 216 -16.24 13.17 10.00
CA GLY A 216 -16.87 14.41 9.58
C GLY A 216 -15.94 15.59 9.57
N ASN A 217 -15.37 15.90 10.74
CA ASN A 217 -14.77 17.20 11.03
C ASN A 217 -13.37 17.17 11.61
N GLN A 218 -12.76 15.98 11.76
CA GLN A 218 -11.43 15.87 12.36
C GLN A 218 -10.39 15.94 11.25
N ARG A 219 -9.78 17.12 11.10
CA ARG A 219 -8.88 17.40 9.98
C ARG A 219 -7.45 17.14 10.36
N ARG A 220 -6.72 16.48 9.45
CA ARG A 220 -5.28 16.34 9.56
C ARG A 220 -4.65 16.57 8.20
N GLU A 221 -3.42 17.05 8.22
CA GLU A 221 -2.64 17.27 7.02
C GLU A 221 -1.89 15.99 6.67
N TYR A 222 -1.84 15.70 5.37
CA TYR A 222 -1.11 14.55 4.84
C TYR A 222 -0.24 14.96 3.65
N LYS A 223 0.71 14.09 3.33
CA LYS A 223 1.55 14.18 2.12
C LYS A 223 1.81 12.76 1.61
N ASN A 224 1.73 12.58 0.29
CA ASN A 224 2.10 11.31 -0.30
C ASN A 224 3.60 11.29 -0.59
N THR A 225 4.25 10.19 -0.24
CA THR A 225 5.67 10.01 -0.49
C THR A 225 5.83 9.27 -1.80
N VAL A 226 6.60 9.83 -2.71
CA VAL A 226 6.80 9.23 -4.03
C VAL A 226 8.11 8.48 -3.97
N TYR A 227 8.08 7.25 -4.46
CA TYR A 227 9.26 6.40 -4.63
C TYR A 227 9.63 6.32 -6.10
N CYS A 228 10.90 5.97 -6.34
CA CYS A 228 11.45 5.78 -7.68
C CYS A 228 12.35 4.56 -7.68
N PHE A 229 12.19 3.72 -8.69
CA PHE A 229 13.19 2.70 -9.00
C PHE A 229 13.46 2.72 -10.50
N GLU A 230 14.64 2.28 -10.87
CA GLU A 230 14.98 2.20 -12.28
C GLU A 230 14.89 0.75 -12.75
N ALA A 231 14.28 0.56 -13.91
CA ALA A 231 14.27 -0.75 -14.54
C ALA A 231 14.16 -0.58 -16.05
N ASP A 232 14.90 -1.41 -16.80
CA ASP A 232 14.86 -1.40 -18.27
C ASP A 232 15.19 -0.02 -18.85
N LYS A 233 16.10 0.71 -18.18
CA LYS A 233 16.50 2.07 -18.53
C LYS A 233 15.37 3.10 -18.42
N THR A 234 14.34 2.82 -17.62
CA THR A 234 13.29 3.81 -17.39
C THR A 234 13.03 3.98 -15.90
N ASP A 235 12.85 5.23 -15.49
CA ASP A 235 12.54 5.58 -14.11
C ASP A 235 11.05 5.42 -13.84
N PHE A 236 10.68 4.58 -12.87
CA PHE A 236 9.28 4.41 -12.48
C PHE A 236 9.03 5.11 -11.15
N TYR A 237 7.94 5.89 -11.09
CA TYR A 237 7.52 6.62 -9.90
C TYR A 237 6.15 6.13 -9.46
N CYS A 238 5.98 5.90 -8.17
CA CYS A 238 4.70 5.44 -7.59
C CYS A 238 4.73 5.68 -6.09
N LEU A 239 3.61 5.36 -5.42
CA LEU A 239 3.53 5.31 -3.97
C LEU A 239 3.61 3.84 -3.54
N VAL A 240 4.26 3.59 -2.43
CA VAL A 240 4.55 2.25 -1.96
C VAL A 240 4.52 2.33 -0.45
N GLU A 241 3.88 1.36 0.19
CA GLU A 241 3.82 1.28 1.64
C GLU A 241 3.56 -0.16 2.03
N TYR A 242 4.05 -0.54 3.19
CA TYR A 242 3.62 -1.81 3.78
C TYR A 242 2.25 -1.64 4.41
N ALA A 243 1.47 -2.72 4.42
CA ALA A 243 0.21 -2.72 5.18
C ALA A 243 0.51 -2.95 6.68
N THR A 244 0.86 -1.87 7.34
CA THR A 244 1.27 -1.89 8.75
C THR A 244 0.33 -2.61 9.72
N PRO A 245 -0.99 -2.66 9.52
CA PRO A 245 -1.81 -3.45 10.47
C PRO A 245 -1.38 -4.90 10.55
N ILE A 246 -0.85 -5.49 9.47
CA ILE A 246 -0.49 -6.90 9.53
C ILE A 246 0.68 -7.12 10.47
N LEU A 247 1.38 -6.07 10.88
CA LEU A 247 2.40 -6.24 11.92
C LEU A 247 1.80 -6.79 13.22
N SER A 248 0.50 -6.54 13.49
CA SER A 248 -0.09 -7.14 14.69
C SER A 248 -0.33 -8.63 14.48
N LEU A 249 -0.61 -9.05 13.24
CA LEU A 249 -0.68 -10.48 12.93
C LEU A 249 0.67 -11.15 13.21
N TYR A 250 1.75 -10.51 12.78
CA TYR A 250 3.09 -11.00 13.11
C TYR A 250 3.29 -11.15 14.62
N GLU A 251 2.90 -10.12 15.40
CA GLU A 251 3.10 -10.12 16.85
C GLU A 251 2.20 -11.16 17.52
N MET A 252 0.94 -11.26 17.09
CA MET A 252 0.07 -12.29 17.64
C MET A 252 0.61 -13.70 17.39
N SER A 253 1.28 -13.91 16.27
CA SER A 253 1.79 -15.26 16.05
C SER A 253 3.08 -15.56 16.80
N ASN A 254 3.83 -14.55 17.22
CA ASN A 254 5.03 -14.70 18.05
C ASN A 254 4.84 -13.85 19.29
N SER A 255 4.15 -14.36 20.32
CA SER A 255 3.84 -13.44 21.39
C SER A 255 3.96 -13.92 22.82
N GLU A 256 3.47 -15.14 23.09
CA GLU A 256 3.38 -15.73 24.42
C GLU A 256 2.07 -15.35 25.14
N GLU A 257 1.42 -14.26 24.74
CA GLU A 257 0.17 -13.88 25.39
C GLU A 257 -0.83 -15.04 25.29
N ALA A 258 -1.90 -14.92 26.09
CA ALA A 258 -2.62 -16.09 26.56
C ALA A 258 -3.62 -16.66 25.55
N GLY A 259 -4.45 -15.80 24.97
CA GLY A 259 -5.55 -16.30 24.15
C GLY A 259 -5.15 -16.68 22.74
N LEU A 260 -3.86 -16.85 22.49
CA LEU A 260 -3.33 -16.84 21.14
C LEU A 260 -3.03 -18.24 20.61
N SER A 261 -3.44 -19.28 21.32
CA SER A 261 -3.07 -20.64 20.95
C SER A 261 -3.69 -21.07 19.63
N SER A 262 -4.92 -20.69 19.39
CA SER A 262 -5.58 -21.06 18.14
C SER A 262 -5.50 -19.95 17.10
N PHE A 263 -4.45 -19.13 17.13
CA PHE A 263 -4.31 -18.07 16.14
C PHE A 263 -3.71 -18.63 14.83
N ASP A 264 -4.29 -18.19 13.72
CA ASP A 264 -3.94 -18.64 12.39
C ASP A 264 -3.58 -17.42 11.55
N ARG A 265 -2.28 -17.16 11.43
CA ARG A 265 -1.82 -15.92 10.80
C ARG A 265 -2.23 -15.83 9.34
N LEU A 266 -2.02 -16.89 8.56
CA LEU A 266 -2.39 -16.81 7.15
C LEU A 266 -3.89 -16.63 6.95
N ARG A 267 -4.70 -17.34 7.74
CA ARG A 267 -6.14 -17.16 7.64
C ARG A 267 -6.54 -15.70 7.92
N GLN A 268 -5.95 -15.08 8.94
CA GLN A 268 -6.29 -13.69 9.23
C GLN A 268 -5.75 -12.77 8.14
N MET A 269 -4.56 -13.05 7.64
CA MET A 269 -4.05 -12.25 6.51
C MET A 269 -4.95 -12.38 5.27
N ARG A 270 -5.57 -13.54 5.04
CA ARG A 270 -6.52 -13.67 3.94
C ARG A 270 -7.81 -12.89 4.17
N THR A 271 -8.40 -12.94 5.37
CA THR A 271 -9.57 -12.11 5.66
C THR A 271 -9.26 -10.63 5.47
N PHE A 272 -8.09 -10.19 5.95
CA PHE A 272 -7.66 -8.82 5.76
C PHE A 272 -7.64 -8.44 4.28
N VAL A 273 -6.95 -9.23 3.48
CA VAL A 273 -6.79 -8.89 2.06
C VAL A 273 -8.16 -8.88 1.40
N ALA A 274 -8.94 -9.93 1.62
CA ALA A 274 -10.23 -10.05 0.98
C ALA A 274 -11.15 -8.90 1.36
N THR A 275 -11.29 -8.61 2.64
CA THR A 275 -12.14 -7.49 3.07
C THR A 275 -11.60 -6.18 2.52
N LEU A 276 -10.31 -5.92 2.71
CA LEU A 276 -9.74 -4.67 2.24
C LEU A 276 -9.94 -4.50 0.75
N GLN A 277 -9.73 -5.56 -0.01
CA GLN A 277 -9.99 -5.47 -1.45
C GLN A 277 -11.44 -5.10 -1.72
N GLU A 278 -12.39 -5.68 -1.00
CA GLU A 278 -13.79 -5.30 -1.26
C GLU A 278 -14.06 -3.85 -0.90
N ILE A 279 -13.50 -3.36 0.21
CA ILE A 279 -13.75 -1.97 0.58
C ILE A 279 -13.19 -1.04 -0.49
N ILE A 280 -11.95 -1.27 -0.88
CA ILE A 280 -11.28 -0.40 -1.83
C ILE A 280 -12.03 -0.36 -3.15
N ASN A 281 -12.56 -1.50 -3.59
CA ASN A 281 -13.32 -1.54 -4.84
C ASN A 281 -14.65 -0.83 -4.73
N SER A 282 -15.25 -0.79 -3.54
CA SER A 282 -16.54 -0.16 -3.40
C SER A 282 -16.47 1.35 -3.38
N ASN A 283 -15.28 1.95 -3.38
CA ASN A 283 -15.12 3.41 -3.38
C ASN A 283 -14.44 3.85 -4.66
N PRO A 284 -15.14 4.56 -5.56
CA PRO A 284 -14.50 4.95 -6.83
C PRO A 284 -13.33 5.90 -6.63
N GLU A 285 -13.20 6.51 -5.45
CA GLU A 285 -12.03 7.33 -5.20
C GLU A 285 -10.81 6.51 -4.83
N THR A 286 -10.96 5.23 -4.55
CA THR A 286 -9.84 4.37 -4.20
CA THR A 286 -9.83 4.38 -4.21
C THR A 286 -9.63 3.23 -5.18
N LYS A 287 -10.70 2.79 -5.87
CA LYS A 287 -10.70 1.58 -6.70
C LYS A 287 -9.54 1.52 -7.66
N ASP A 288 -9.22 2.62 -8.32
CA ASP A 288 -8.24 2.60 -9.40
C ASP A 288 -6.90 3.19 -8.97
N ASN A 289 -6.73 3.54 -7.70
CA ASN A 289 -5.56 4.25 -7.24
C ASN A 289 -4.86 3.49 -6.13
N CYS A 290 -5.11 2.19 -6.09
CA CYS A 290 -4.67 1.34 -4.99
C CYS A 290 -4.62 -0.10 -5.47
N SER A 291 -3.52 -0.80 -5.14
CA SER A 291 -3.32 -2.19 -5.51
C SER A 291 -2.65 -2.94 -4.37
N LEU A 292 -3.17 -4.11 -4.02
CA LEU A 292 -2.64 -4.90 -2.92
C LEU A 292 -1.71 -5.96 -3.47
N LEU A 293 -0.48 -5.99 -2.97
CA LEU A 293 0.58 -6.88 -3.45
C LEU A 293 0.89 -7.93 -2.38
N VAL A 294 0.35 -9.13 -2.55
CA VAL A 294 0.55 -10.23 -1.61
C VAL A 294 1.66 -11.11 -2.17
N TYR A 295 2.63 -11.46 -1.33
CA TYR A 295 3.81 -12.16 -1.82
C TYR A 295 4.51 -12.86 -0.66
N ASP A 296 5.35 -13.85 -0.99
CA ASP A 296 6.19 -14.54 -0.03
C ASP A 296 7.52 -13.79 0.11
N ASP A 297 7.76 -13.20 1.30
CA ASP A 297 8.98 -12.46 1.57
C ASP A 297 10.17 -13.35 1.94
N LYS A 298 9.96 -14.64 2.12
CA LYS A 298 11.07 -15.62 2.16
C LYS A 298 11.67 -15.86 0.77
N GLN A 305 13.70 -12.68 -5.30
CA GLN A 305 13.15 -11.45 -5.84
C GLN A 305 13.37 -10.29 -4.91
N SER A 306 12.70 -9.19 -5.24
CA SER A 306 12.72 -7.99 -4.41
C SER A 306 11.39 -7.27 -4.59
N ILE A 307 11.10 -6.33 -3.68
CA ILE A 307 9.82 -5.64 -3.79
C ILE A 307 9.79 -4.75 -5.04
N SER A 308 10.90 -4.08 -5.38
CA SER A 308 10.91 -3.25 -6.59
C SER A 308 10.60 -4.10 -7.82
N MET A 309 11.14 -5.31 -7.87
CA MET A 309 10.86 -6.21 -8.99
C MET A 309 9.38 -6.59 -8.99
N LEU A 310 8.84 -6.92 -7.80
CA LEU A 310 7.42 -7.21 -7.70
C LEU A 310 6.56 -6.06 -8.19
N ILE A 311 6.89 -4.83 -7.76
CA ILE A 311 6.12 -3.66 -8.17
C ILE A 311 6.22 -3.43 -9.67
N LYS A 312 7.42 -3.64 -10.24
CA LYS A 312 7.63 -3.45 -11.67
C LYS A 312 6.73 -4.39 -12.47
N ASP A 313 6.73 -5.67 -12.10
CA ASP A 313 5.83 -6.62 -12.74
C ASP A 313 4.36 -6.24 -12.57
N ARG A 314 3.96 -5.73 -11.40
CA ARG A 314 2.56 -5.35 -11.28
C ARG A 314 2.27 -4.12 -12.14
N ILE A 315 3.18 -3.16 -12.19
CA ILE A 315 2.95 -1.94 -12.97
C ILE A 315 2.76 -2.28 -14.45
N GLU A 316 3.64 -3.15 -15.00
CA GLU A 316 3.47 -3.62 -16.37
C GLU A 316 2.09 -4.24 -16.55
N LYS A 317 1.71 -5.18 -15.67
CA LYS A 317 0.39 -5.81 -15.77
C LYS A 317 -0.72 -4.77 -15.76
N ASP A 318 -0.63 -3.79 -14.85
CA ASP A 318 -1.69 -2.79 -14.76
C ASP A 318 -1.70 -1.85 -15.95
N LEU A 319 -0.53 -1.41 -16.39
CA LEU A 319 -0.48 -0.40 -17.45
C LEU A 319 -1.00 -0.95 -18.78
N SER A 320 -0.76 -2.24 -19.06
CA SER A 320 -1.35 -2.86 -20.24
C SER A 320 -2.86 -2.66 -20.27
N ASP A 321 -3.53 -2.97 -19.15
CA ASP A 321 -5.00 -2.98 -19.14
C ASP A 321 -5.56 -1.57 -19.21
N LYS A 322 -4.95 -0.62 -18.50
CA LYS A 322 -5.36 0.78 -18.62
C LYS A 322 -5.30 1.27 -20.07
N ALA A 323 -4.27 0.86 -20.82
CA ALA A 323 -4.26 1.14 -22.27
C ALA A 323 -5.41 0.42 -22.99
N LEU A 324 -5.64 -0.87 -22.69
CA LEU A 324 -6.79 -1.57 -23.26
C LEU A 324 -8.11 -0.82 -23.04
N GLN A 325 -8.28 -0.24 -21.86
CA GLN A 325 -9.47 0.54 -21.55
C GLN A 325 -9.37 1.86 -22.29
#